data_2XL3
#
_entry.id   2XL3
#
_cell.length_a   47.100
_cell.length_b   81.320
_cell.length_c   86.350
_cell.angle_alpha   90.00
_cell.angle_beta   91.13
_cell.angle_gamma   90.00
#
_symmetry.space_group_name_H-M   'P 1 21 1'
#
loop_
_entity.id
_entity.type
_entity.pdbx_description
1 polymer 'WD REPEAT-CONTAINING PROTEIN 5'
2 polymer 'RETINOBLASTOMA-BINDING PROTEIN 5'
3 polymer 'HISTONE H3.1'
4 non-polymer GLYCEROL
5 water water
#
loop_
_entity_poly.entity_id
_entity_poly.type
_entity_poly.pdbx_seq_one_letter_code
_entity_poly.pdbx_strand_id
1 'polypeptide(L)'
;MATEEKKPETEAARAQPTPSSSATQSKPTPVKPNYALKFTLAGHTKAVSSVKFSPNGEWLASSSADKLIKIWGAYDGKFE
KTISGHKLGISDVAWSSDSNLLVSASDDKTLKIWDVSSGKCLKTLKGHSNYVFCCNFNPQSNLIVSGSFDESVRIWDVKT
GKCLKTLPAHSDPVSAVHFNRDGSLIVSSSYDGLCRIWDTASGQCLKTLIDDDNPPVSFVKFSPNGKYILAATLDNTLKL
WDYSKGKCLKTYTGHKNEKYCIFANFSVTGGKWIVSGSEDNLVYIWNLQTKEIVQKLQGHTDVVISTACHPTENIIASAA
LENDKTIKLWKSDC
;
A,B
2 'polypeptide(L)' YAAEDEEVDVTSVD C,E
3 'polypeptide(L)' ARTKQTARY D,F
#
# COMPACT_ATOMS: atom_id res chain seq x y z
N LYS A 32 5.25 -40.79 -12.59
CA LYS A 32 5.94 -39.51 -12.72
C LYS A 32 5.00 -38.32 -12.95
N PRO A 33 5.38 -37.15 -12.42
CA PRO A 33 4.60 -35.94 -12.67
C PRO A 33 5.02 -35.36 -14.01
N ASN A 34 4.20 -34.44 -14.53
CA ASN A 34 4.46 -33.86 -15.84
C ASN A 34 4.47 -32.34 -15.79
N TYR A 35 4.79 -31.77 -14.64
CA TYR A 35 4.75 -30.31 -14.48
C TYR A 35 5.27 -29.55 -15.70
N ALA A 36 4.49 -28.57 -16.17
CA ALA A 36 4.86 -27.77 -17.34
C ALA A 36 4.47 -26.28 -17.18
N LEU A 37 5.34 -25.39 -17.67
CA LEU A 37 5.14 -23.95 -17.50
C LEU A 37 3.82 -23.47 -18.04
N LYS A 38 3.05 -22.78 -17.22
CA LYS A 38 1.80 -22.18 -17.66
C LYS A 38 1.84 -20.64 -17.55
N PHE A 39 2.50 -20.15 -16.50
CA PHE A 39 2.56 -18.71 -16.29
C PHE A 39 3.87 -18.23 -15.69
N THR A 40 4.33 -17.08 -16.16
CA THR A 40 5.42 -16.35 -15.53
C THR A 40 4.87 -15.02 -15.04
N LEU A 41 5.21 -14.63 -13.81
CA LEU A 41 4.62 -13.44 -13.23
C LEU A 41 5.72 -12.43 -12.94
N ALA A 42 5.72 -11.33 -13.68
CA ALA A 42 6.67 -10.25 -13.42
C ALA A 42 6.01 -9.14 -12.59
N GLY A 43 6.81 -8.42 -11.81
CA GLY A 43 6.26 -7.40 -10.93
C GLY A 43 7.29 -6.88 -9.96
N HIS A 44 7.79 -7.74 -9.08
CA HIS A 44 8.86 -7.35 -8.15
C HIS A 44 10.06 -6.79 -8.90
N THR A 45 10.65 -5.76 -8.32
CA THR A 45 11.79 -5.08 -8.92
C THR A 45 13.12 -5.48 -8.26
N LYS A 46 13.01 -6.38 -7.29
CA LYS A 46 14.17 -6.95 -6.60
C LYS A 46 13.88 -8.41 -6.33
N ALA A 47 14.89 -9.15 -5.84
CA ALA A 47 14.79 -10.60 -5.66
C ALA A 47 13.48 -10.96 -4.99
N VAL A 48 12.88 -12.08 -5.38
CA VAL A 48 11.69 -12.54 -4.67
C VAL A 48 12.17 -13.47 -3.56
N SER A 49 11.50 -13.44 -2.41
CA SER A 49 11.99 -14.16 -1.25
C SER A 49 11.14 -15.37 -0.89
N SER A 50 9.84 -15.28 -1.15
CA SER A 50 8.95 -16.36 -0.72
C SER A 50 7.59 -16.30 -1.40
N VAL A 51 7.09 -17.44 -1.88
CA VAL A 51 5.68 -17.57 -2.28
C VAL A 51 4.91 -18.64 -1.47
N LYS A 52 3.59 -18.46 -1.36
CA LYS A 52 2.72 -19.40 -0.65
C LYS A 52 1.30 -19.33 -1.22
N PHE A 53 0.66 -20.48 -1.43
CA PHE A 53 -0.72 -20.52 -1.87
C PHE A 53 -1.68 -20.31 -0.70
N SER A 54 -2.61 -19.37 -0.84
CA SER A 54 -3.67 -19.23 0.15
C SER A 54 -4.33 -20.57 0.37
N PRO A 55 -4.84 -20.80 1.59
CA PRO A 55 -5.41 -22.09 1.97
C PRO A 55 -6.60 -22.48 1.10
N ASN A 56 -7.31 -21.50 0.54
CA ASN A 56 -8.45 -21.82 -0.32
C ASN A 56 -8.08 -22.08 -1.76
N GLY A 57 -6.80 -21.90 -2.09
CA GLY A 57 -6.33 -22.13 -3.45
C GLY A 57 -6.91 -21.15 -4.44
N GLU A 58 -7.07 -19.91 -4.02
CA GLU A 58 -7.52 -18.87 -4.94
C GLU A 58 -6.36 -17.96 -5.27
N TRP A 59 -5.53 -17.68 -4.28
CA TRP A 59 -4.46 -16.71 -4.43
C TRP A 59 -3.08 -17.29 -4.27
N LEU A 60 -2.11 -16.63 -4.87
CA LEU A 60 -0.71 -16.78 -4.52
C LEU A 60 -0.21 -15.48 -3.88
N ALA A 61 0.60 -15.61 -2.84
CA ALA A 61 1.17 -14.44 -2.17
C ALA A 61 2.67 -14.48 -2.31
N SER A 62 3.28 -13.32 -2.53
CA SER A 62 4.71 -13.26 -2.73
C SER A 62 5.31 -12.07 -1.99
N SER A 63 6.54 -12.26 -1.53
CA SER A 63 7.27 -11.22 -0.82
C SER A 63 8.63 -11.02 -1.47
N SER A 64 9.18 -9.81 -1.34
CA SER A 64 10.39 -9.47 -2.08
C SER A 64 11.38 -8.62 -1.28
N ALA A 65 12.63 -8.67 -1.74
CA ALA A 65 13.64 -7.77 -1.24
C ALA A 65 13.24 -6.31 -1.49
N ASP A 66 12.21 -6.12 -2.31
CA ASP A 66 11.75 -4.77 -2.66
C ASP A 66 10.76 -4.17 -1.63
N LYS A 67 10.79 -4.70 -0.41
CA LYS A 67 9.88 -4.26 0.65
C LYS A 67 8.40 -4.54 0.36
N LEU A 68 8.10 -5.29 -0.71
CA LEU A 68 6.72 -5.44 -1.18
C LEU A 68 6.12 -6.84 -1.08
N ILE A 69 4.81 -6.89 -0.92
CA ILE A 69 4.04 -8.12 -1.10
C ILE A 69 3.08 -7.95 -2.29
N LYS A 70 2.93 -9.00 -3.09
CA LYS A 70 2.01 -8.98 -4.22
C LYS A 70 1.06 -10.19 -4.24
N ILE A 71 -0.20 -9.97 -4.60
CA ILE A 71 -1.16 -11.06 -4.65
C ILE A 71 -1.42 -11.41 -6.10
N TRP A 72 -1.57 -12.71 -6.39
CA TRP A 72 -1.85 -13.17 -7.74
C TRP A 72 -2.91 -14.29 -7.75
N GLY A 73 -3.77 -14.30 -8.77
CA GLY A 73 -4.70 -15.40 -8.97
C GLY A 73 -4.00 -16.74 -9.14
N ALA A 74 -4.39 -17.73 -8.34
CA ALA A 74 -3.64 -18.98 -8.24
C ALA A 74 -3.66 -19.80 -9.51
N TYR A 75 -4.67 -19.59 -10.35
CA TYR A 75 -4.85 -20.43 -11.54
C TYR A 75 -4.43 -19.76 -12.84
N ASP A 76 -4.59 -18.43 -12.91
CA ASP A 76 -4.29 -17.69 -14.13
C ASP A 76 -3.03 -16.82 -14.04
N GLY A 77 -2.54 -16.60 -12.82
CA GLY A 77 -1.34 -15.78 -12.62
C GLY A 77 -1.64 -14.31 -12.81
N LYS A 78 -2.92 -14.01 -12.95
CA LYS A 78 -3.39 -12.64 -13.07
C LYS A 78 -3.05 -11.84 -11.82
N PHE A 79 -2.27 -10.78 -11.98
CA PHE A 79 -1.89 -9.94 -10.84
C PHE A 79 -3.12 -9.33 -10.18
N GLU A 80 -3.07 -9.23 -8.85
CA GLU A 80 -4.22 -8.78 -8.09
C GLU A 80 -3.94 -7.41 -7.48
N LYS A 81 -3.13 -7.38 -6.43
CA LYS A 81 -2.78 -6.11 -5.79
C LYS A 81 -1.34 -6.08 -5.26
N THR A 82 -0.95 -4.92 -4.74
CA THR A 82 0.33 -4.75 -4.07
C THR A 82 0.13 -4.28 -2.63
N ILE A 83 0.98 -4.73 -1.73
CA ILE A 83 0.80 -4.40 -0.33
C ILE A 83 2.07 -3.80 0.25
N SER A 84 1.99 -2.51 0.61
CA SER A 84 3.16 -1.73 1.06
C SER A 84 3.16 -1.45 2.56
N GLY A 85 4.34 -1.11 3.11
CA GLY A 85 4.46 -0.92 4.56
C GLY A 85 5.83 -1.17 5.20
N HIS A 86 6.47 -2.30 4.89
CA HIS A 86 7.76 -2.57 5.50
C HIS A 86 8.80 -1.53 5.08
N LYS A 87 9.73 -1.24 5.99
CA LYS A 87 10.74 -0.23 5.75
C LYS A 87 11.97 -0.82 5.11
N LEU A 88 12.11 -2.14 5.24
CA LEU A 88 13.18 -2.87 4.58
C LEU A 88 12.61 -4.11 3.92
N GLY A 89 13.45 -4.87 3.21
CA GLY A 89 13.03 -6.09 2.55
C GLY A 89 12.32 -7.16 3.38
N ILE A 90 11.65 -8.08 2.69
CA ILE A 90 10.89 -9.15 3.33
C ILE A 90 11.50 -10.49 2.98
N SER A 91 11.57 -11.40 3.96
CA SER A 91 12.16 -12.72 3.72
C SER A 91 11.11 -13.83 3.70
N ASP A 92 9.93 -13.56 4.24
CA ASP A 92 8.89 -14.57 4.29
C ASP A 92 7.51 -13.95 4.43
N VAL A 93 6.50 -14.72 4.05
CA VAL A 93 5.11 -14.32 4.20
C VAL A 93 4.33 -15.62 4.46
N ALA A 94 3.14 -15.50 5.05
CA ALA A 94 2.36 -16.69 5.40
C ALA A 94 0.86 -16.38 5.61
N TRP A 95 0.01 -17.29 5.13
CA TRP A 95 -1.45 -17.11 5.12
C TRP A 95 -2.11 -17.57 6.43
N SER A 96 -3.20 -16.92 6.83
CA SER A 96 -4.03 -17.48 7.90
C SER A 96 -4.83 -18.66 7.34
N SER A 97 -5.52 -19.37 8.22
CA SER A 97 -6.25 -20.57 7.80
C SER A 97 -7.44 -20.23 6.93
N ASP A 98 -8.01 -19.04 7.14
CA ASP A 98 -9.18 -18.62 6.37
C ASP A 98 -8.82 -17.74 5.14
N SER A 99 -7.52 -17.65 4.83
CA SER A 99 -7.08 -16.96 3.62
C SER A 99 -7.34 -15.45 3.65
N ASN A 100 -7.73 -14.92 4.82
CA ASN A 100 -8.10 -13.52 4.97
C ASN A 100 -6.97 -12.62 5.43
N LEU A 101 -6.06 -13.15 6.23
CA LEU A 101 -4.94 -12.37 6.75
C LEU A 101 -3.60 -12.89 6.22
N LEU A 102 -2.59 -12.04 6.32
CA LEU A 102 -1.23 -12.41 5.97
C LEU A 102 -0.24 -11.89 7.01
N VAL A 103 0.83 -12.64 7.21
CA VAL A 103 1.91 -12.17 8.07
C VAL A 103 3.21 -12.20 7.29
N SER A 104 4.07 -11.21 7.54
CA SER A 104 5.32 -11.08 6.82
C SER A 104 6.48 -10.74 7.77
N ALA A 105 7.68 -11.14 7.36
CA ALA A 105 8.85 -11.03 8.22
C ALA A 105 9.92 -10.24 7.51
N SER A 106 10.31 -9.14 8.11
CA SER A 106 11.17 -8.18 7.39
C SER A 106 12.47 -7.85 8.09
N ASP A 107 13.46 -7.48 7.28
CA ASP A 107 14.72 -6.96 7.78
C ASP A 107 14.55 -5.75 8.68
N ASP A 108 13.36 -5.17 8.70
CA ASP A 108 13.10 -3.99 9.53
C ASP A 108 12.91 -4.36 11.00
N LYS A 109 13.36 -5.55 11.36
CA LYS A 109 13.25 -6.10 12.71
C LYS A 109 11.80 -6.31 13.18
N THR A 110 10.85 -6.33 12.25
CA THR A 110 9.46 -6.49 12.64
C THR A 110 8.68 -7.53 11.83
N LEU A 111 7.45 -7.80 12.27
CA LEU A 111 6.48 -8.52 11.47
C LEU A 111 5.22 -7.65 11.34
N LYS A 112 4.54 -7.76 10.21
CA LYS A 112 3.26 -7.06 10.09
C LYS A 112 2.16 -8.04 9.71
N ILE A 113 0.96 -7.81 10.25
CA ILE A 113 -0.22 -8.59 9.96
C ILE A 113 -1.14 -7.77 9.04
N TRP A 114 -1.71 -8.40 8.02
CA TRP A 114 -2.42 -7.63 7.00
C TRP A 114 -3.79 -8.19 6.68
N ASP A 115 -4.81 -7.31 6.58
CA ASP A 115 -6.09 -7.73 6.04
C ASP A 115 -5.92 -7.75 4.55
N VAL A 116 -6.09 -8.91 3.94
CA VAL A 116 -5.73 -9.07 2.54
C VAL A 116 -6.60 -8.27 1.58
N SER A 117 -7.92 -8.36 1.73
CA SER A 117 -8.82 -7.70 0.80
C SER A 117 -8.89 -6.18 1.02
N SER A 118 -8.63 -5.72 2.24
CA SER A 118 -8.62 -4.28 2.50
C SER A 118 -7.22 -3.69 2.26
N GLY A 119 -6.20 -4.52 2.45
CA GLY A 119 -4.83 -4.06 2.32
C GLY A 119 -4.39 -3.28 3.54
N LYS A 120 -5.18 -3.35 4.63
CA LYS A 120 -4.83 -2.70 5.90
C LYS A 120 -3.73 -3.44 6.65
N CYS A 121 -2.83 -2.67 7.24
CA CYS A 121 -1.89 -3.22 8.22
C CYS A 121 -2.54 -3.29 9.60
N LEU A 122 -3.02 -4.46 9.99
CA LEU A 122 -3.74 -4.59 11.25
C LEU A 122 -2.85 -4.43 12.49
N LYS A 123 -1.65 -5.01 12.46
CA LYS A 123 -0.72 -4.94 13.60
C LYS A 123 0.72 -4.88 13.10
N THR A 124 1.62 -4.38 13.93
CA THR A 124 3.05 -4.45 13.66
C THR A 124 3.70 -5.03 14.89
N LEU A 125 4.29 -6.23 14.75
CA LEU A 125 4.85 -6.93 15.90
C LEU A 125 6.31 -6.55 16.11
N LYS A 126 6.55 -5.76 17.15
CA LYS A 126 7.90 -5.36 17.52
C LYS A 126 8.44 -6.22 18.68
N GLY A 127 9.75 -6.46 18.69
CA GLY A 127 10.32 -7.43 19.60
C GLY A 127 11.71 -7.93 19.26
N HIS A 128 11.86 -8.65 18.15
CA HIS A 128 13.19 -9.12 17.77
C HIS A 128 14.18 -7.97 17.72
N SER A 129 15.45 -8.30 17.86
CA SER A 129 16.49 -7.28 17.96
C SER A 129 17.34 -7.27 16.72
N ASN A 130 16.91 -8.04 15.73
CA ASN A 130 17.56 -8.09 14.41
C ASN A 130 16.58 -8.66 13.38
N TYR A 131 17.03 -8.89 12.16
CA TYR A 131 16.12 -9.25 11.08
C TYR A 131 15.18 -10.40 11.42
N VAL A 132 13.89 -10.23 11.11
CA VAL A 132 12.95 -11.35 11.14
C VAL A 132 13.00 -12.09 9.80
N PHE A 133 13.15 -13.41 9.86
CA PHE A 133 13.51 -14.19 8.69
C PHE A 133 12.41 -15.16 8.22
N CYS A 134 11.61 -15.67 9.15
CA CYS A 134 10.57 -16.65 8.84
C CYS A 134 9.34 -16.44 9.72
N CYS A 135 8.19 -16.93 9.27
CA CYS A 135 6.93 -16.74 10.01
C CYS A 135 5.81 -17.66 9.54
N ASN A 136 4.78 -17.79 10.36
CA ASN A 136 3.72 -18.79 10.14
C ASN A 136 2.58 -18.67 11.16
N PHE A 137 1.37 -19.04 10.72
CA PHE A 137 0.19 -19.10 11.59
C PHE A 137 0.03 -20.51 12.18
N ASN A 138 -0.56 -20.60 13.37
CA ASN A 138 -1.01 -21.91 13.82
C ASN A 138 -2.32 -22.19 13.10
N PRO A 139 -2.72 -23.47 13.00
CA PRO A 139 -3.98 -23.77 12.32
C PRO A 139 -5.19 -23.02 12.89
N GLN A 140 -5.23 -22.82 14.17
CA GLN A 140 -6.28 -22.04 14.73
C GLN A 140 -6.17 -20.61 14.23
N SER A 141 -4.95 -20.13 14.08
CA SER A 141 -4.61 -18.81 13.56
C SER A 141 -4.86 -17.69 14.56
N ASN A 142 -4.96 -18.06 15.83
CA ASN A 142 -4.92 -17.08 16.90
C ASN A 142 -3.47 -16.77 17.26
N LEU A 143 -2.55 -17.61 16.79
CA LEU A 143 -1.14 -17.44 17.04
C LEU A 143 -0.26 -17.21 15.82
N ILE A 144 0.89 -16.59 16.05
CA ILE A 144 1.92 -16.53 15.02
C ILE A 144 3.29 -16.85 15.63
N VAL A 145 4.05 -17.68 14.92
CA VAL A 145 5.42 -17.95 15.32
C VAL A 145 6.37 -17.31 14.32
N SER A 146 7.50 -16.81 14.82
CA SER A 146 8.48 -16.12 13.99
C SER A 146 9.92 -16.52 14.38
N GLY A 147 10.85 -16.22 13.49
CA GLY A 147 12.24 -16.59 13.71
C GLY A 147 13.15 -15.53 13.16
N SER A 148 14.28 -15.28 13.82
CA SER A 148 15.10 -14.11 13.52
C SER A 148 16.61 -14.34 13.59
N PHE A 149 17.34 -13.37 13.06
CA PHE A 149 18.79 -13.41 13.11
CA PHE A 149 18.80 -13.34 13.10
C PHE A 149 19.27 -13.33 14.54
N ASP A 150 18.46 -12.76 15.43
CA ASP A 150 18.85 -12.65 16.84
C ASP A 150 18.86 -13.99 17.56
N GLU A 151 18.60 -15.07 16.81
CA GLU A 151 18.77 -16.43 17.30
C GLU A 151 17.58 -16.90 18.16
N SER A 152 16.46 -16.22 18.07
CA SER A 152 15.32 -16.58 18.90
C SER A 152 14.05 -16.92 18.13
N VAL A 153 13.07 -17.45 18.84
CA VAL A 153 11.76 -17.77 18.30
C VAL A 153 10.70 -17.13 19.19
N ARG A 154 9.83 -16.32 18.60
CA ARG A 154 8.74 -15.70 19.38
C ARG A 154 7.35 -16.17 18.95
N ILE A 155 6.44 -16.23 19.93
CA ILE A 155 5.07 -16.61 19.69
C ILE A 155 4.20 -15.42 20.02
N TRP A 156 3.42 -14.99 19.03
CA TRP A 156 2.67 -13.76 19.13
C TRP A 156 1.17 -14.01 19.16
N ASP A 157 0.45 -13.06 19.73
CA ASP A 157 -1.01 -13.08 19.71
C ASP A 157 -1.54 -12.31 18.47
N VAL A 158 -2.28 -12.99 17.60
CA VAL A 158 -2.84 -12.33 16.44
C VAL A 158 -3.69 -11.10 16.84
N LYS A 159 -4.72 -11.31 17.65
CA LYS A 159 -5.62 -10.23 18.02
C LYS A 159 -4.94 -8.99 18.61
N THR A 160 -3.85 -9.18 19.36
CA THR A 160 -3.28 -8.04 20.10
C THR A 160 -1.87 -7.56 19.69
N GLY A 161 -1.17 -8.34 18.86
CA GLY A 161 0.17 -7.97 18.45
C GLY A 161 1.20 -8.16 19.55
N LYS A 162 0.81 -8.85 20.61
CA LYS A 162 1.68 -8.98 21.78
C LYS A 162 2.53 -10.25 21.71
N CYS A 163 3.80 -10.12 22.10
CA CYS A 163 4.69 -11.25 22.14
C CYS A 163 4.38 -12.13 23.35
N LEU A 164 3.78 -13.28 23.10
CA LEU A 164 3.38 -14.16 24.19
C LEU A 164 4.56 -14.87 24.83
N LYS A 165 5.38 -15.55 24.02
CA LYS A 165 6.56 -16.21 24.55
C LYS A 165 7.82 -15.85 23.76
N THR A 166 8.99 -16.06 24.36
CA THR A 166 10.25 -15.80 23.68
C THR A 166 11.20 -16.93 23.97
N LEU A 167 11.21 -17.94 23.11
CA LEU A 167 12.06 -19.10 23.27
C LEU A 167 13.52 -18.78 22.92
N PRO A 168 14.45 -19.12 23.83
CA PRO A 168 15.87 -18.94 23.54
C PRO A 168 16.34 -20.09 22.64
N ALA A 169 15.83 -20.12 21.42
CA ALA A 169 15.83 -21.35 20.60
C ALA A 169 17.17 -21.89 20.07
N HIS A 170 18.10 -21.01 19.69
CA HIS A 170 19.30 -21.42 18.96
C HIS A 170 20.46 -20.49 19.26
N SER A 171 21.64 -20.86 18.77
CA SER A 171 22.85 -20.10 19.03
C SER A 171 23.37 -19.47 17.73
N ASP A 172 22.50 -19.41 16.74
CA ASP A 172 22.77 -18.78 15.45
C ASP A 172 21.43 -18.36 14.88
N PRO A 173 21.42 -17.65 13.76
CA PRO A 173 20.13 -17.22 13.18
C PRO A 173 19.15 -18.38 12.93
N VAL A 174 17.86 -18.04 12.94
CA VAL A 174 16.79 -19.01 12.79
C VAL A 174 16.22 -18.95 11.37
N SER A 175 16.24 -20.10 10.68
CA SER A 175 15.92 -20.14 9.25
C SER A 175 14.49 -20.56 8.95
N ALA A 176 13.83 -21.19 9.90
CA ALA A 176 12.44 -21.61 9.70
C ALA A 176 11.67 -21.91 10.97
N VAL A 177 10.35 -21.79 10.89
CA VAL A 177 9.47 -22.09 12.00
C VAL A 177 8.12 -22.53 11.43
N HIS A 178 7.52 -23.55 12.02
CA HIS A 178 6.30 -24.14 11.47
C HIS A 178 5.50 -24.85 12.56
N PHE A 179 4.19 -24.61 12.61
CA PHE A 179 3.31 -25.33 13.52
C PHE A 179 2.98 -26.69 12.94
N ASN A 180 2.45 -27.60 13.75
CA ASN A 180 1.97 -28.86 13.22
C ASN A 180 0.45 -28.90 13.05
N ARG A 181 -0.04 -30.00 12.49
CA ARG A 181 -1.45 -30.18 12.14
C ARG A 181 -2.47 -29.54 13.10
N ASP A 182 -2.15 -29.53 14.40
CA ASP A 182 -3.11 -29.04 15.40
C ASP A 182 -2.56 -27.95 16.34
N GLY A 183 -1.45 -27.34 15.94
CA GLY A 183 -0.92 -26.18 16.64
C GLY A 183 -0.25 -26.49 17.97
N SER A 184 -0.13 -27.77 18.28
CA SER A 184 0.43 -28.21 19.56
C SER A 184 1.96 -28.14 19.57
N LEU A 185 2.55 -28.20 18.37
CA LEU A 185 4.00 -28.23 18.24
C LEU A 185 4.54 -27.18 17.28
N ILE A 186 5.73 -26.66 17.58
CA ILE A 186 6.43 -25.81 16.64
C ILE A 186 7.75 -26.49 16.31
N VAL A 187 8.13 -26.50 15.03
CA VAL A 187 9.47 -26.95 14.69
C VAL A 187 10.31 -25.75 14.27
N SER A 188 11.59 -25.75 14.65
CA SER A 188 12.48 -24.67 14.26
C SER A 188 13.83 -25.18 13.77
N SER A 189 14.50 -24.37 12.93
CA SER A 189 15.82 -24.73 12.40
C SER A 189 16.75 -23.52 12.43
N SER A 190 18.05 -23.78 12.31
CA SER A 190 19.05 -22.72 12.46
C SER A 190 20.37 -23.02 11.76
N TYR A 191 21.10 -21.95 11.46
CA TYR A 191 22.49 -22.05 11.04
C TYR A 191 23.35 -22.73 12.12
N ASP A 192 22.78 -22.95 13.29
CA ASP A 192 23.53 -23.61 14.36
C ASP A 192 23.55 -25.14 14.23
N GLY A 193 23.01 -25.65 13.12
CA GLY A 193 22.98 -27.08 12.89
C GLY A 193 21.74 -27.80 13.40
N LEU A 194 20.91 -27.12 14.17
CA LEU A 194 19.86 -27.84 14.93
C LEU A 194 18.45 -27.70 14.39
N CYS A 195 17.64 -28.75 14.54
CA CYS A 195 16.19 -28.64 14.43
C CYS A 195 15.64 -28.96 15.79
N ARG A 196 14.84 -28.07 16.36
CA ARG A 196 14.25 -28.31 17.67
C ARG A 196 12.74 -28.30 17.60
N ILE A 197 12.12 -29.09 18.47
CA ILE A 197 10.67 -29.16 18.53
C ILE A 197 10.26 -28.55 19.83
N TRP A 198 9.22 -27.73 19.80
CA TRP A 198 8.81 -27.01 20.99
C TRP A 198 7.35 -27.28 21.29
N ASP A 199 7.03 -27.35 22.58
CA ASP A 199 5.65 -27.38 23.02
C ASP A 199 5.08 -25.95 23.01
N THR A 200 4.03 -25.72 22.21
CA THR A 200 3.47 -24.39 22.03
C THR A 200 2.93 -23.81 23.33
N ALA A 201 2.32 -24.66 24.14
CA ALA A 201 1.69 -24.22 25.37
C ALA A 201 2.73 -23.73 26.37
N SER A 202 3.76 -24.54 26.60
CA SER A 202 4.75 -24.25 27.63
C SER A 202 6.00 -23.52 27.14
N GLY A 203 6.36 -23.75 25.88
CA GLY A 203 7.55 -23.15 25.33
C GLY A 203 8.75 -23.99 25.67
N GLN A 204 8.48 -25.23 26.03
CA GLN A 204 9.53 -26.15 26.40
C GLN A 204 10.05 -26.90 25.20
N CYS A 205 11.36 -27.03 25.14
CA CYS A 205 12.02 -27.77 24.06
C CYS A 205 11.86 -29.27 24.27
N LEU A 206 11.06 -29.92 23.43
CA LEU A 206 10.79 -31.35 23.57
C LEU A 206 11.81 -32.25 22.85
N LYS A 207 12.56 -31.69 21.92
CA LYS A 207 13.44 -32.53 21.11
C LYS A 207 14.46 -31.70 20.32
N THR A 208 15.71 -32.16 20.34
CA THR A 208 16.72 -31.61 19.45
C THR A 208 17.15 -32.72 18.51
N LEU A 209 17.15 -32.42 17.21
CA LEU A 209 17.56 -33.38 16.17
C LEU A 209 19.04 -33.27 15.79
N ILE A 210 19.79 -34.32 16.08
CA ILE A 210 21.19 -34.34 15.72
C ILE A 210 21.48 -35.39 14.65
N ASP A 211 22.13 -34.97 13.57
CA ASP A 211 22.57 -35.89 12.53
C ASP A 211 23.95 -36.41 12.91
N ASP A 212 24.82 -36.59 11.92
CA ASP A 212 26.18 -37.04 12.18
C ASP A 212 27.15 -35.88 12.04
N ASP A 213 26.80 -34.91 11.19
CA ASP A 213 27.71 -33.82 10.91
C ASP A 213 27.15 -32.45 11.30
N ASN A 214 25.83 -32.30 11.29
CA ASN A 214 25.19 -31.04 11.70
C ASN A 214 25.56 -29.78 10.90
N PRO A 215 25.35 -29.81 9.59
CA PRO A 215 25.57 -28.64 8.73
C PRO A 215 24.46 -27.63 8.99
N PRO A 216 24.71 -26.34 8.72
CA PRO A 216 23.67 -25.36 9.07
C PRO A 216 22.33 -25.80 8.52
N VAL A 217 21.27 -25.61 9.29
CA VAL A 217 19.95 -26.05 8.84
C VAL A 217 19.16 -24.85 8.30
N SER A 218 18.83 -24.93 7.02
CA SER A 218 18.36 -23.77 6.24
C SER A 218 16.86 -23.79 5.99
N PHE A 219 16.23 -24.94 6.23
CA PHE A 219 14.79 -24.98 6.17
C PHE A 219 14.26 -26.16 6.95
N VAL A 220 13.04 -26.01 7.47
CA VAL A 220 12.39 -27.12 8.15
C VAL A 220 10.87 -27.01 8.03
N LYS A 221 10.19 -28.15 7.98
CA LYS A 221 8.74 -28.16 7.83
C LYS A 221 8.13 -29.52 8.22
N PHE A 222 6.96 -29.48 8.87
CA PHE A 222 6.21 -30.69 9.22
C PHE A 222 5.54 -31.32 8.01
N SER A 223 5.31 -32.63 8.09
CA SER A 223 4.45 -33.29 7.13
C SER A 223 3.00 -32.86 7.45
N PRO A 224 2.13 -32.93 6.45
CA PRO A 224 0.73 -32.53 6.62
C PRO A 224 0.08 -33.18 7.83
N ASN A 225 0.49 -34.41 8.15
CA ASN A 225 -0.13 -35.14 9.25
C ASN A 225 0.65 -34.97 10.56
N GLY A 226 1.79 -34.29 10.47
CA GLY A 226 2.56 -33.96 11.66
C GLY A 226 3.53 -35.05 12.09
N LYS A 227 3.33 -36.26 11.55
CA LYS A 227 4.14 -37.39 11.97
C LYS A 227 5.61 -37.26 11.58
N TYR A 228 5.90 -36.55 10.48
CA TYR A 228 7.29 -36.43 10.02
C TYR A 228 7.81 -34.99 9.95
N ILE A 229 9.07 -34.84 9.56
CA ILE A 229 9.72 -33.53 9.48
C ILE A 229 10.69 -33.51 8.31
N LEU A 230 10.61 -32.46 7.50
CA LEU A 230 11.43 -32.35 6.30
C LEU A 230 12.40 -31.20 6.47
N ALA A 231 13.67 -31.45 6.24
CA ALA A 231 14.71 -30.51 6.65
C ALA A 231 15.79 -30.33 5.59
N ALA A 232 16.03 -29.08 5.23
CA ALA A 232 17.00 -28.74 4.20
C ALA A 232 18.29 -28.32 4.86
N THR A 233 19.41 -28.64 4.24
CA THR A 233 20.66 -28.42 4.93
C THR A 233 21.80 -28.11 3.95
N LEU A 234 22.60 -27.10 4.29
CA LEU A 234 23.52 -26.49 3.35
C LEU A 234 24.68 -27.37 2.93
N ASP A 235 24.41 -28.67 2.79
CA ASP A 235 25.36 -29.60 2.21
C ASP A 235 24.70 -30.28 1.01
N ASN A 236 23.75 -29.56 0.42
CA ASN A 236 23.05 -30.02 -0.78
C ASN A 236 22.20 -31.22 -0.48
N THR A 237 21.74 -31.30 0.76
CA THR A 237 20.91 -32.42 1.19
C THR A 237 19.57 -32.02 1.80
N LEU A 238 18.58 -32.84 1.54
CA LEU A 238 17.30 -32.78 2.23
C LEU A 238 17.12 -34.11 2.96
N LYS A 239 16.55 -34.07 4.16
CA LYS A 239 16.28 -35.30 4.92
C LYS A 239 14.85 -35.31 5.45
N LEU A 240 14.25 -36.49 5.46
CA LEU A 240 12.96 -36.67 6.12
C LEU A 240 13.16 -37.37 7.48
N TRP A 241 12.70 -36.75 8.55
CA TRP A 241 12.88 -37.29 9.90
C TRP A 241 11.54 -37.76 10.49
N ASP A 242 11.56 -38.90 11.18
CA ASP A 242 10.45 -39.30 12.03
C ASP A 242 10.54 -38.56 13.37
N TYR A 243 9.55 -37.72 13.67
CA TYR A 243 9.67 -36.81 14.82
C TYR A 243 9.78 -37.56 16.18
N SER A 244 8.98 -38.60 16.38
CA SER A 244 9.05 -39.35 17.62
C SER A 244 10.41 -40.03 17.80
N LYS A 245 10.63 -41.10 17.04
CA LYS A 245 11.86 -41.88 17.16
C LYS A 245 13.12 -41.02 17.02
N GLY A 246 12.96 -39.82 16.49
CA GLY A 246 14.09 -38.93 16.28
C GLY A 246 15.16 -39.56 15.40
N LYS A 247 14.76 -40.16 14.29
CA LYS A 247 15.73 -40.77 13.36
C LYS A 247 15.52 -40.38 11.90
N CYS A 248 16.63 -40.10 11.20
CA CYS A 248 16.57 -39.74 9.78
C CYS A 248 16.18 -40.94 8.91
N LEU A 249 15.09 -40.78 8.15
CA LEU A 249 14.55 -41.87 7.33
C LEU A 249 14.98 -41.81 5.87
N LYS A 250 14.54 -40.76 5.16
CA LYS A 250 14.87 -40.60 3.74
C LYS A 250 15.89 -39.51 3.52
N THR A 251 16.62 -39.63 2.41
CA THR A 251 17.55 -38.59 2.01
C THR A 251 17.38 -38.27 0.51
N TYR A 252 17.29 -36.98 0.20
CA TYR A 252 17.05 -36.54 -1.16
C TYR A 252 18.14 -35.56 -1.59
N THR A 253 18.85 -35.89 -2.66
CA THR A 253 19.92 -35.03 -3.15
C THR A 253 19.90 -34.88 -4.66
N GLY A 254 20.94 -34.24 -5.19
CA GLY A 254 21.02 -34.00 -6.63
C GLY A 254 21.04 -32.53 -6.99
N HIS A 255 20.49 -31.69 -6.10
CA HIS A 255 20.43 -30.24 -6.31
C HIS A 255 21.61 -29.50 -5.69
N LYS A 256 21.57 -28.17 -5.77
CA LYS A 256 22.65 -27.34 -5.24
C LYS A 256 22.09 -26.37 -4.20
N ASN A 257 22.60 -26.46 -2.99
CA ASN A 257 22.12 -25.65 -1.89
C ASN A 257 23.21 -25.52 -0.82
N GLU A 258 23.92 -24.40 -0.84
CA GLU A 258 25.07 -24.18 0.05
C GLU A 258 25.10 -22.76 0.59
N LYS A 259 24.20 -21.91 0.10
CA LYS A 259 24.25 -20.48 0.46
C LYS A 259 22.90 -19.91 0.87
N TYR A 260 21.82 -20.34 0.23
CA TYR A 260 20.52 -19.73 0.49
C TYR A 260 19.53 -20.67 1.20
N CYS A 261 18.62 -20.06 1.95
CA CYS A 261 17.59 -20.82 2.63
C CYS A 261 16.42 -21.08 1.71
N ILE A 262 16.42 -22.25 1.08
CA ILE A 262 15.43 -22.57 0.05
C ILE A 262 14.27 -23.37 0.64
N PHE A 263 13.05 -22.86 0.44
CA PHE A 263 11.84 -23.58 0.85
C PHE A 263 11.72 -24.94 0.16
N ALA A 264 11.01 -25.85 0.81
CA ALA A 264 10.74 -27.17 0.25
C ALA A 264 9.33 -27.62 0.62
N ASN A 265 8.85 -28.68 -0.02
CA ASN A 265 7.45 -29.06 0.17
C ASN A 265 7.16 -30.53 0.05
N PHE A 266 6.05 -30.93 0.66
CA PHE A 266 5.45 -32.23 0.40
C PHE A 266 4.37 -31.94 -0.60
N SER A 267 4.46 -32.56 -1.77
CA SER A 267 3.36 -32.49 -2.73
C SER A 267 2.50 -33.72 -2.54
N VAL A 268 1.22 -33.53 -2.31
CA VAL A 268 0.35 -34.66 -1.99
C VAL A 268 -1.02 -34.60 -2.64
N THR A 269 -1.20 -33.69 -3.58
CA THR A 269 -2.50 -33.54 -4.22
C THR A 269 -2.71 -34.66 -5.24
N GLY A 270 -1.62 -35.09 -5.86
CA GLY A 270 -1.69 -36.15 -6.84
C GLY A 270 -0.91 -37.35 -6.36
N GLY A 271 0.23 -37.60 -6.98
CA GLY A 271 1.20 -38.53 -6.41
C GLY A 271 1.89 -37.82 -5.26
N LYS A 272 2.79 -38.50 -4.57
CA LYS A 272 3.44 -37.87 -3.42
C LYS A 272 4.90 -37.61 -3.73
N TRP A 273 5.29 -36.32 -3.72
CA TRP A 273 6.65 -35.94 -4.09
C TRP A 273 7.27 -34.99 -3.09
N ILE A 274 8.55 -34.72 -3.29
CA ILE A 274 9.23 -33.68 -2.54
C ILE A 274 9.71 -32.63 -3.54
N VAL A 275 9.19 -31.41 -3.36
CA VAL A 275 9.53 -30.30 -4.23
C VAL A 275 10.49 -29.36 -3.51
N SER A 276 11.41 -28.76 -4.25
CA SER A 276 12.33 -27.82 -3.63
C SER A 276 13.11 -27.00 -4.65
N GLY A 277 13.17 -25.68 -4.44
CA GLY A 277 14.03 -24.82 -5.22
C GLY A 277 15.47 -25.31 -5.26
N SER A 278 16.34 -24.59 -5.96
CA SER A 278 17.72 -25.02 -6.13
C SER A 278 18.58 -23.86 -6.62
N GLU A 279 19.88 -23.92 -6.37
CA GLU A 279 20.76 -22.81 -6.63
C GLU A 279 21.37 -22.96 -8.00
N ASP A 280 20.87 -23.96 -8.74
CA ASP A 280 21.29 -24.13 -10.13
C ASP A 280 20.15 -23.73 -11.06
N ASN A 281 19.25 -22.90 -10.52
CA ASN A 281 18.19 -22.26 -11.29
C ASN A 281 17.01 -23.18 -11.64
N LEU A 282 17.06 -24.46 -11.24
CA LEU A 282 15.97 -25.40 -11.56
C LEU A 282 15.06 -25.74 -10.37
N VAL A 283 13.84 -26.18 -10.67
CA VAL A 283 12.95 -26.74 -9.67
C VAL A 283 13.07 -28.27 -9.64
N TYR A 284 13.52 -28.83 -8.52
CA TYR A 284 13.67 -30.29 -8.40
C TYR A 284 12.42 -30.99 -7.87
N ILE A 285 12.14 -32.19 -8.38
CA ILE A 285 11.07 -33.02 -7.84
C ILE A 285 11.55 -34.47 -7.56
N TRP A 286 11.29 -34.96 -6.35
CA TRP A 286 11.69 -36.32 -5.94
C TRP A 286 10.46 -37.20 -5.66
N ASN A 287 10.57 -38.48 -5.98
CA ASN A 287 9.59 -39.47 -5.53
C ASN A 287 9.73 -39.63 -4.01
N LEU A 288 8.65 -39.36 -3.28
CA LEU A 288 8.68 -39.41 -1.81
C LEU A 288 9.32 -40.67 -1.26
N GLN A 289 8.99 -41.82 -1.86
CA GLN A 289 9.41 -43.12 -1.36
C GLN A 289 10.80 -43.55 -1.83
N THR A 290 10.96 -43.72 -3.12
CA THR A 290 12.24 -44.18 -3.67
C THR A 290 13.34 -43.13 -3.59
N LYS A 291 12.93 -41.86 -3.46
CA LYS A 291 13.85 -40.75 -3.25
C LYS A 291 14.69 -40.39 -4.47
N GLU A 292 14.18 -40.69 -5.66
CA GLU A 292 14.90 -40.34 -6.88
C GLU A 292 14.25 -39.16 -7.60
N ILE A 293 15.08 -38.38 -8.28
CA ILE A 293 14.57 -37.24 -9.03
C ILE A 293 13.61 -37.74 -10.10
N VAL A 294 12.34 -37.37 -9.98
CA VAL A 294 11.37 -37.71 -11.01
C VAL A 294 11.02 -36.55 -11.97
N GLN A 295 11.53 -35.35 -11.71
CA GLN A 295 11.39 -34.23 -12.66
C GLN A 295 12.28 -33.02 -12.31
N LYS A 296 12.77 -32.31 -13.33
CA LYS A 296 13.54 -31.08 -13.11
C LYS A 296 13.08 -29.93 -14.01
N LEU A 297 12.31 -29.00 -13.44
CA LEU A 297 11.74 -27.88 -14.18
C LEU A 297 12.76 -26.81 -14.63
N GLN A 298 12.67 -26.38 -15.87
CA GLN A 298 13.63 -25.42 -16.40
C GLN A 298 12.91 -24.14 -16.76
N GLY A 299 13.56 -22.99 -16.59
CA GLY A 299 12.89 -21.72 -16.82
C GLY A 299 13.56 -20.54 -16.14
N HIS A 300 13.81 -20.62 -14.85
CA HIS A 300 14.38 -19.49 -14.13
C HIS A 300 15.84 -19.23 -14.52
N THR A 301 16.35 -18.06 -14.19
CA THR A 301 17.66 -17.64 -14.67
C THR A 301 18.57 -17.22 -13.51
N ASP A 302 18.08 -17.43 -12.30
CA ASP A 302 18.85 -17.21 -11.08
C ASP A 302 18.34 -18.17 -10.02
N VAL A 303 19.04 -18.24 -8.90
CA VAL A 303 18.70 -19.17 -7.84
C VAL A 303 17.20 -19.25 -7.62
N VAL A 304 16.65 -20.46 -7.66
CA VAL A 304 15.24 -20.68 -7.32
C VAL A 304 15.11 -20.86 -5.80
N ILE A 305 14.64 -19.80 -5.14
CA ILE A 305 14.74 -19.66 -3.70
C ILE A 305 13.54 -20.21 -2.93
N SER A 306 12.41 -20.34 -3.62
CA SER A 306 11.16 -20.72 -2.97
C SER A 306 10.26 -21.52 -3.91
N THR A 307 9.51 -22.45 -3.32
CA THR A 307 8.52 -23.23 -4.05
C THR A 307 7.31 -23.44 -3.16
N ALA A 308 6.19 -23.79 -3.77
CA ALA A 308 4.97 -24.01 -3.01
C ALA A 308 4.01 -24.87 -3.84
N CYS A 309 3.29 -25.76 -3.14
CA CYS A 309 2.36 -26.67 -3.81
C CYS A 309 0.92 -26.34 -3.45
N HIS A 310 0.14 -25.98 -4.47
CA HIS A 310 -1.27 -25.66 -4.31
C HIS A 310 -1.99 -26.64 -3.36
N PRO A 311 -2.92 -26.12 -2.55
CA PRO A 311 -3.72 -26.90 -1.58
C PRO A 311 -4.34 -28.16 -2.17
N THR A 312 -5.00 -28.06 -3.34
CA THR A 312 -5.79 -29.16 -3.88
C THR A 312 -5.41 -29.61 -5.29
N GLU A 313 -4.89 -28.68 -6.08
CA GLU A 313 -4.54 -28.98 -7.46
C GLU A 313 -3.06 -29.23 -7.61
N ASN A 314 -2.68 -29.99 -8.63
CA ASN A 314 -1.27 -30.27 -8.88
C ASN A 314 -0.54 -29.06 -9.46
N ILE A 315 -0.59 -27.93 -8.76
CA ILE A 315 0.08 -26.73 -9.23
C ILE A 315 1.27 -26.42 -8.34
N ILE A 316 2.41 -26.12 -8.95
CA ILE A 316 3.56 -25.66 -8.19
C ILE A 316 3.88 -24.20 -8.53
N ALA A 317 4.16 -23.40 -7.51
CA ALA A 317 4.60 -22.02 -7.72
C ALA A 317 6.10 -21.88 -7.41
N SER A 318 6.85 -21.18 -8.25
CA SER A 318 8.29 -21.02 -8.03
C SER A 318 8.73 -19.56 -8.13
N ALA A 319 9.86 -19.21 -7.52
CA ALA A 319 10.33 -17.81 -7.51
C ALA A 319 11.84 -17.69 -7.37
N ALA A 320 12.42 -16.67 -8.00
CA ALA A 320 13.87 -16.54 -8.08
C ALA A 320 14.47 -15.22 -7.59
N LEU A 321 15.81 -15.19 -7.55
CA LEU A 321 16.55 -14.11 -6.90
C LEU A 321 16.87 -12.97 -7.84
N GLU A 322 17.69 -12.04 -7.37
CA GLU A 322 17.88 -10.73 -7.98
C GLU A 322 17.95 -10.69 -9.50
N ASN A 323 18.62 -11.67 -10.11
CA ASN A 323 18.85 -11.64 -11.55
C ASN A 323 17.67 -12.10 -12.41
N ASP A 324 16.64 -12.62 -11.76
CA ASP A 324 15.52 -13.21 -12.46
C ASP A 324 14.23 -12.51 -12.05
N LYS A 325 13.88 -12.60 -10.77
CA LYS A 325 12.80 -11.80 -10.20
C LYS A 325 11.37 -12.16 -10.66
N THR A 326 11.22 -13.25 -11.43
CA THR A 326 9.88 -13.69 -11.84
C THR A 326 9.31 -14.81 -10.99
N ILE A 327 8.02 -15.04 -11.12
CA ILE A 327 7.37 -16.14 -10.42
C ILE A 327 6.72 -17.02 -11.48
N LYS A 328 6.82 -18.34 -11.31
CA LYS A 328 6.30 -19.24 -12.31
C LYS A 328 5.32 -20.26 -11.72
N LEU A 329 4.30 -20.59 -12.50
CA LEU A 329 3.32 -21.60 -12.13
C LEU A 329 3.37 -22.72 -13.15
N TRP A 330 3.49 -23.95 -12.65
CA TRP A 330 3.55 -25.13 -13.50
C TRP A 330 2.44 -26.05 -13.06
N LYS A 331 1.80 -26.73 -14.02
CA LYS A 331 0.72 -27.65 -13.69
C LYS A 331 1.03 -29.07 -14.14
N SER A 332 0.30 -30.02 -13.55
CA SER A 332 0.54 -31.42 -13.79
C SER A 332 -0.79 -32.16 -13.81
N ASP A 333 -0.84 -33.28 -14.53
CA ASP A 333 -2.02 -34.14 -14.51
C ASP A 333 -1.89 -35.20 -13.41
N CYS A 334 -0.67 -35.68 -13.19
CA CYS A 334 -0.37 -36.63 -12.13
C CYS A 334 0.07 -35.86 -10.90
N VAL B 31 -24.09 37.21 12.12
CA VAL B 31 -23.79 35.89 12.67
C VAL B 31 -22.32 35.53 12.43
N LYS B 32 -21.79 34.68 13.32
CA LYS B 32 -20.41 34.23 13.26
C LYS B 32 -20.30 32.73 13.53
N PRO B 33 -19.28 32.08 12.96
CA PRO B 33 -19.04 30.66 13.24
C PRO B 33 -18.24 30.53 14.53
N ASN B 34 -18.21 29.33 15.09
CA ASN B 34 -17.52 29.10 16.35
C ASN B 34 -16.51 27.96 16.27
N TYR B 35 -15.98 27.72 15.08
CA TYR B 35 -15.06 26.59 14.87
C TYR B 35 -14.06 26.40 16.02
N ALA B 36 -13.95 25.16 16.49
CA ALA B 36 -13.06 24.83 17.61
C ALA B 36 -12.39 23.45 17.44
N LEU B 37 -11.11 23.39 17.81
CA LEU B 37 -10.32 22.17 17.63
C LEU B 37 -10.93 20.94 18.30
N LYS B 38 -11.08 19.87 17.53
CA LYS B 38 -11.62 18.63 18.06
C LYS B 38 -10.60 17.53 17.89
N PHE B 39 -9.86 17.57 16.78
CA PHE B 39 -8.89 16.52 16.51
C PHE B 39 -7.64 17.03 15.80
N THR B 40 -6.50 16.45 16.18
CA THR B 40 -5.26 16.60 15.44
C THR B 40 -4.84 15.22 14.95
N LEU B 41 -4.41 15.12 13.70
CA LEU B 41 -4.11 13.82 13.13
C LEU B 41 -2.66 13.78 12.73
N ALA B 42 -1.87 12.98 13.43
CA ALA B 42 -0.48 12.78 13.05
C ALA B 42 -0.31 11.49 12.23
N GLY B 43 0.70 11.45 11.37
CA GLY B 43 0.89 10.30 10.50
C GLY B 43 1.92 10.54 9.43
N HIS B 44 1.66 11.51 8.56
CA HIS B 44 2.63 11.88 7.53
C HIS B 44 3.96 12.30 8.15
N THR B 45 5.05 11.88 7.51
CA THR B 45 6.39 12.15 7.99
C THR B 45 7.03 13.34 7.27
N LYS B 46 6.29 13.92 6.32
CA LYS B 46 6.75 15.07 5.53
C LYS B 46 5.55 15.96 5.32
N ALA B 47 5.78 17.17 4.80
CA ALA B 47 4.73 18.18 4.67
C ALA B 47 3.45 17.58 4.09
N VAL B 48 2.30 18.03 4.58
CA VAL B 48 1.04 17.57 4.00
C VAL B 48 0.69 18.54 2.88
N SER B 49 0.12 18.04 1.79
CA SER B 49 -0.10 18.86 0.60
C SER B 49 -1.56 19.21 0.37
N SER B 50 -2.46 18.28 0.70
CA SER B 50 -3.86 18.49 0.40
C SER B 50 -4.76 17.54 1.16
N VAL B 51 -5.87 18.07 1.69
CA VAL B 51 -6.94 17.23 2.23
C VAL B 51 -8.29 17.50 1.53
N LYS B 52 -9.14 16.48 1.48
CA LYS B 52 -10.49 16.59 0.93
C LYS B 52 -11.47 15.63 1.63
N PHE B 53 -12.68 16.09 1.89
CA PHE B 53 -13.72 15.22 2.44
C PHE B 53 -14.37 14.40 1.35
N SER B 54 -14.41 13.07 1.51
CA SER B 54 -15.21 12.23 0.63
C SER B 54 -16.62 12.81 0.51
N PRO B 55 -17.24 12.58 -0.64
CA PRO B 55 -18.55 13.18 -0.94
C PRO B 55 -19.63 12.72 0.02
N ASN B 56 -19.49 11.53 0.59
CA ASN B 56 -20.48 11.04 1.55
C ASN B 56 -20.28 11.55 2.99
N GLY B 57 -19.17 12.25 3.23
CA GLY B 57 -18.87 12.78 4.54
C GLY B 57 -18.55 11.69 5.54
N GLU B 58 -17.87 10.65 5.09
CA GLU B 58 -17.44 9.58 5.98
C GLU B 58 -15.94 9.67 6.21
N TRP B 59 -15.22 9.98 5.14
CA TRP B 59 -13.77 9.96 5.18
C TRP B 59 -13.12 11.31 4.92
N LEU B 60 -11.91 11.44 5.42
CA LEU B 60 -11.00 12.48 4.99
C LEU B 60 -9.82 11.81 4.28
N ALA B 61 -9.40 12.40 3.17
CA ALA B 61 -8.27 11.90 2.41
C ALA B 61 -7.15 12.95 2.46
N SER B 62 -5.92 12.48 2.56
CA SER B 62 -4.79 13.39 2.64
C SER B 62 -3.63 12.89 1.80
N SER B 63 -2.88 13.83 1.25
CA SER B 63 -1.70 13.51 0.47
C SER B 63 -0.49 14.28 1.01
N SER B 64 0.71 13.73 0.81
CA SER B 64 1.89 14.31 1.42
C SER B 64 3.12 14.29 0.53
N ALA B 65 4.06 15.17 0.86
CA ALA B 65 5.38 15.15 0.27
C ALA B 65 6.06 13.78 0.51
N ASP B 66 5.46 12.97 1.37
CA ASP B 66 6.05 11.68 1.75
C ASP B 66 5.63 10.54 0.80
N LYS B 67 5.20 10.92 -0.41
CA LYS B 67 4.73 9.96 -1.41
C LYS B 67 3.46 9.22 -0.97
N LEU B 68 2.84 9.63 0.12
CA LEU B 68 1.74 8.86 0.71
C LEU B 68 0.35 9.49 0.69
N ILE B 69 -0.67 8.64 0.67
CA ILE B 69 -2.04 9.06 0.93
C ILE B 69 -2.54 8.33 2.16
N LYS B 70 -3.28 9.04 3.02
CA LYS B 70 -3.86 8.44 4.22
C LYS B 70 -5.36 8.73 4.35
N ILE B 71 -6.13 7.74 4.79
CA ILE B 71 -7.57 7.93 4.98
C ILE B 71 -7.89 8.09 6.46
N TRP B 72 -8.84 8.95 6.78
CA TRP B 72 -9.22 9.17 8.17
C TRP B 72 -10.75 9.29 8.30
N GLY B 73 -11.31 8.80 9.41
CA GLY B 73 -12.72 8.99 9.68
C GLY B 73 -13.06 10.46 9.84
N ALA B 74 -14.09 10.93 9.14
CA ALA B 74 -14.35 12.37 9.00
C ALA B 74 -14.81 13.00 10.30
N TYR B 75 -15.36 12.20 11.20
CA TYR B 75 -15.96 12.73 12.43
C TYR B 75 -15.09 12.54 13.67
N ASP B 76 -14.32 11.45 13.70
CA ASP B 76 -13.50 11.11 14.86
C ASP B 76 -12.00 11.29 14.63
N GLY B 77 -11.59 11.45 13.37
CA GLY B 77 -10.18 11.61 13.03
C GLY B 77 -9.41 10.32 13.22
N LYS B 78 -10.14 9.25 13.50
CA LYS B 78 -9.59 7.92 13.61
C LYS B 78 -8.92 7.51 12.29
N PHE B 79 -7.62 7.23 12.36
CA PHE B 79 -6.87 6.79 11.18
C PHE B 79 -7.44 5.50 10.59
N GLU B 80 -7.44 5.42 9.26
CA GLU B 80 -8.06 4.30 8.57
C GLU B 80 -7.00 3.45 7.92
N LYS B 81 -6.44 3.94 6.81
CA LYS B 81 -5.41 3.18 6.11
C LYS B 81 -4.37 4.09 5.48
N THR B 82 -3.34 3.47 4.89
CA THR B 82 -2.35 4.18 4.09
C THR B 82 -2.32 3.64 2.67
N ILE B 83 -2.05 4.51 1.69
CA ILE B 83 -2.07 4.07 0.30
C ILE B 83 -0.76 4.44 -0.41
N SER B 84 0.00 3.42 -0.78
CA SER B 84 1.35 3.61 -1.35
C SER B 84 1.40 3.36 -2.86
N GLY B 85 2.44 3.88 -3.52
CA GLY B 85 2.55 3.76 -4.96
C GLY B 85 3.34 4.82 -5.73
N HIS B 86 3.09 6.10 -5.47
CA HIS B 86 3.85 7.14 -6.15
C HIS B 86 5.33 7.08 -5.83
N LYS B 87 6.16 7.40 -6.82
CA LYS B 87 7.61 7.34 -6.70
C LYS B 87 8.17 8.65 -6.13
N LEU B 88 7.40 9.73 -6.23
CA LEU B 88 7.78 11.00 -5.65
C LEU B 88 6.58 11.57 -4.91
N GLY B 89 6.76 12.74 -4.28
CA GLY B 89 5.72 13.39 -3.50
C GLY B 89 4.42 13.67 -4.24
N ILE B 90 3.36 13.92 -3.49
CA ILE B 90 2.05 14.22 -4.05
C ILE B 90 1.62 15.64 -3.70
N SER B 91 1.01 16.34 -4.64
CA SER B 91 0.59 17.73 -4.44
C SER B 91 -0.91 17.86 -4.27
N ASP B 92 -1.66 16.86 -4.74
CA ASP B 92 -3.11 16.93 -4.67
C ASP B 92 -3.75 15.53 -4.71
N VAL B 93 -4.98 15.47 -4.22
CA VAL B 93 -5.77 14.26 -4.27
C VAL B 93 -7.24 14.70 -4.38
N ALA B 94 -8.10 13.82 -4.89
CA ALA B 94 -9.50 14.17 -5.12
C ALA B 94 -10.40 12.93 -5.20
N TRP B 95 -11.61 13.05 -4.65
CA TRP B 95 -12.57 11.95 -4.56
C TRP B 95 -13.47 11.82 -5.79
N SER B 96 -13.90 10.61 -6.12
CA SER B 96 -14.96 10.44 -7.10
C SER B 96 -16.30 10.80 -6.46
N SER B 97 -17.37 10.83 -7.25
CA SER B 97 -18.67 11.28 -6.74
C SER B 97 -19.27 10.28 -5.78
N ASP B 98 -18.91 9.01 -5.94
CA ASP B 98 -19.44 7.94 -5.11
C ASP B 98 -18.50 7.56 -3.95
N SER B 99 -17.45 8.36 -3.75
CA SER B 99 -16.56 8.19 -2.60
C SER B 99 -15.76 6.87 -2.66
N ASN B 100 -15.81 6.18 -3.79
CA ASN B 100 -15.15 4.88 -3.96
C ASN B 100 -13.75 4.93 -4.55
N LEU B 101 -13.49 5.91 -5.41
CA LEU B 101 -12.19 6.04 -6.05
C LEU B 101 -11.47 7.31 -5.61
N LEU B 102 -10.17 7.35 -5.84
CA LEU B 102 -9.37 8.54 -5.59
C LEU B 102 -8.38 8.78 -6.71
N VAL B 103 -8.10 10.05 -6.98
CA VAL B 103 -7.06 10.37 -7.93
C VAL B 103 -6.03 11.28 -7.27
N SER B 104 -4.77 11.09 -7.63
CA SER B 104 -3.70 11.86 -7.01
C SER B 104 -2.70 12.35 -8.05
N ALA B 105 -2.03 13.47 -7.73
CA ALA B 105 -1.15 14.12 -8.69
C ALA B 105 0.23 14.25 -8.08
N SER B 106 1.22 13.65 -8.72
CA SER B 106 2.54 13.56 -8.11
C SER B 106 3.67 14.16 -8.93
N ASP B 107 4.73 14.56 -8.22
CA ASP B 107 5.97 15.00 -8.83
C ASP B 107 6.58 13.94 -9.74
N ASP B 108 6.06 12.71 -9.67
CA ASP B 108 6.57 11.62 -10.51
C ASP B 108 6.05 11.72 -11.95
N LYS B 109 5.59 12.92 -12.32
CA LYS B 109 5.04 13.20 -13.66
C LYS B 109 3.77 12.40 -14.00
N THR B 110 3.13 11.80 -13.01
CA THR B 110 1.94 10.98 -13.27
C THR B 110 0.74 11.27 -12.37
N LEU B 111 -0.38 10.64 -12.69
CA LEU B 111 -1.52 10.58 -11.81
C LEU B 111 -1.87 9.10 -11.59
N LYS B 112 -2.38 8.75 -10.42
CA LYS B 112 -2.86 7.39 -10.18
C LYS B 112 -4.29 7.38 -9.69
N ILE B 113 -5.05 6.40 -10.16
CA ILE B 113 -6.44 6.20 -9.74
C ILE B 113 -6.51 5.01 -8.79
N TRP B 114 -7.24 5.14 -7.70
CA TRP B 114 -7.20 4.15 -6.63
C TRP B 114 -8.56 3.67 -6.14
N ASP B 115 -8.73 2.35 -6.03
CA ASP B 115 -9.93 1.83 -5.38
C ASP B 115 -9.71 1.99 -3.90
N VAL B 116 -10.55 2.78 -3.24
CA VAL B 116 -10.25 3.19 -1.87
C VAL B 116 -10.29 2.01 -0.87
N SER B 117 -11.35 1.21 -0.92
CA SER B 117 -11.51 0.15 0.07
C SER B 117 -10.58 -1.04 -0.17
N SER B 118 -10.17 -1.25 -1.41
CA SER B 118 -9.24 -2.33 -1.73
C SER B 118 -7.80 -1.86 -1.63
N GLY B 119 -7.58 -0.56 -1.86
CA GLY B 119 -6.24 0.00 -1.87
C GLY B 119 -5.49 -0.34 -3.14
N LYS B 120 -6.22 -0.83 -4.16
CA LYS B 120 -5.66 -1.11 -5.50
C LYS B 120 -5.38 0.15 -6.30
N CYS B 121 -4.26 0.16 -7.01
CA CYS B 121 -4.01 1.16 -8.03
C CYS B 121 -4.64 0.72 -9.34
N LEU B 122 -5.82 1.27 -9.66
CA LEU B 122 -6.53 0.85 -10.88
C LEU B 122 -5.88 1.28 -12.20
N LYS B 123 -5.38 2.52 -12.26
CA LYS B 123 -4.69 3.02 -13.45
C LYS B 123 -3.56 3.97 -13.07
N THR B 124 -2.60 4.14 -13.97
CA THR B 124 -1.57 5.16 -13.83
C THR B 124 -1.59 6.01 -15.10
N LEU B 125 -1.93 7.30 -14.96
CA LEU B 125 -2.05 8.17 -16.14
C LEU B 125 -0.74 8.86 -16.48
N LYS B 126 -0.11 8.39 -17.55
CA LYS B 126 1.13 8.97 -18.03
C LYS B 126 0.83 9.93 -19.18
N GLY B 127 1.65 10.98 -19.32
CA GLY B 127 1.36 12.05 -20.26
C GLY B 127 2.12 13.35 -20.02
N HIS B 128 1.85 14.03 -18.90
CA HIS B 128 2.58 15.24 -18.57
C HIS B 128 4.09 15.05 -18.63
N SER B 129 4.81 16.13 -18.87
CA SER B 129 6.23 16.06 -19.11
C SER B 129 6.99 16.66 -17.94
N ASN B 130 6.24 17.00 -16.90
CA ASN B 130 6.78 17.51 -15.64
C ASN B 130 5.76 17.32 -14.52
N TYR B 131 6.05 17.83 -13.33
CA TYR B 131 5.23 17.53 -12.15
C TYR B 131 3.74 17.75 -12.35
N VAL B 132 2.93 16.78 -11.93
CA VAL B 132 1.48 16.97 -11.88
C VAL B 132 1.14 17.62 -10.54
N PHE B 133 0.38 18.71 -10.57
CA PHE B 133 0.22 19.56 -9.40
C PHE B 133 -1.20 19.57 -8.84
N CYS B 134 -2.20 19.36 -9.69
CA CYS B 134 -3.61 19.43 -9.27
C CYS B 134 -4.48 18.46 -10.05
N CYS B 135 -5.64 18.10 -9.50
CA CYS B 135 -6.48 17.09 -10.14
C CYS B 135 -7.88 17.02 -9.51
N ASN B 136 -8.82 16.42 -10.23
CA ASN B 136 -10.25 16.47 -9.89
C ASN B 136 -11.10 15.59 -10.81
N PHE B 137 -12.22 15.09 -10.29
CA PHE B 137 -13.21 14.35 -11.07
C PHE B 137 -14.30 15.26 -11.59
N ASN B 138 -14.89 14.93 -12.73
CA ASN B 138 -16.13 15.58 -13.10
C ASN B 138 -17.24 14.94 -12.28
N PRO B 139 -18.37 15.64 -12.13
CA PRO B 139 -19.45 15.07 -11.31
C PRO B 139 -19.90 13.69 -11.80
N GLN B 140 -19.90 13.45 -13.10
CA GLN B 140 -20.23 12.11 -13.61
C GLN B 140 -19.15 11.14 -13.13
N SER B 141 -17.92 11.65 -13.10
CA SER B 141 -16.74 10.90 -12.65
C SER B 141 -16.29 9.85 -13.65
N ASN B 142 -16.70 10.03 -14.90
CA ASN B 142 -16.12 9.30 -16.00
C ASN B 142 -14.87 10.00 -16.49
N LEU B 143 -14.68 11.24 -16.05
CA LEU B 143 -13.53 12.04 -16.46
C LEU B 143 -12.63 12.50 -15.32
N ILE B 144 -11.38 12.78 -15.65
CA ILE B 144 -10.49 13.45 -14.72
C ILE B 144 -9.74 14.59 -15.41
N VAL B 145 -9.65 15.72 -14.74
CA VAL B 145 -8.85 16.81 -15.27
C VAL B 145 -7.63 16.99 -14.38
N SER B 146 -6.50 17.36 -14.98
CA SER B 146 -5.25 17.51 -14.26
C SER B 146 -4.49 18.75 -14.72
N GLY B 147 -3.51 19.17 -13.92
CA GLY B 147 -2.73 20.35 -14.24
C GLY B 147 -1.30 20.20 -13.79
N SER B 148 -0.35 20.69 -14.58
CA SER B 148 1.07 20.39 -14.39
C SER B 148 2.04 21.58 -14.55
N PHE B 149 3.25 21.39 -14.05
CA PHE B 149 4.28 22.38 -14.26
C PHE B 149 4.57 22.58 -15.74
N ASP B 150 4.31 21.56 -16.57
CA ASP B 150 4.56 21.68 -18.02
C ASP B 150 3.63 22.66 -18.69
N GLU B 151 2.79 23.33 -17.89
CA GLU B 151 1.96 24.44 -18.35
C GLU B 151 0.71 23.98 -19.10
N SER B 152 0.31 22.72 -18.91
CA SER B 152 -0.84 22.20 -19.65
C SER B 152 -1.94 21.64 -18.76
N VAL B 153 -3.09 21.37 -19.38
CA VAL B 153 -4.23 20.78 -18.72
C VAL B 153 -4.69 19.56 -19.53
N ARG B 154 -4.75 18.39 -18.92
CA ARG B 154 -5.20 17.19 -19.64
C ARG B 154 -6.51 16.63 -19.08
N ILE B 155 -7.32 16.08 -19.99
CA ILE B 155 -8.58 15.45 -19.61
C ILE B 155 -8.47 13.98 -19.90
N TRP B 156 -8.70 13.17 -18.87
CA TRP B 156 -8.45 11.74 -18.94
C TRP B 156 -9.73 10.92 -18.83
N ASP B 157 -9.69 9.71 -19.36
CA ASP B 157 -10.79 8.78 -19.24
C ASP B 157 -10.59 7.87 -18.01
N VAL B 158 -11.54 7.90 -17.09
CA VAL B 158 -11.40 7.09 -15.87
C VAL B 158 -11.25 5.61 -16.21
N LYS B 159 -12.22 5.05 -16.92
CA LYS B 159 -12.20 3.63 -17.26
C LYS B 159 -10.93 3.14 -17.97
N THR B 160 -10.30 3.98 -18.78
CA THR B 160 -9.20 3.49 -19.61
C THR B 160 -7.81 4.07 -19.34
N GLY B 161 -7.73 5.14 -18.55
CA GLY B 161 -6.46 5.78 -18.26
C GLY B 161 -5.88 6.54 -19.45
N LYS B 162 -6.72 6.79 -20.43
CA LYS B 162 -6.24 7.42 -21.66
C LYS B 162 -6.44 8.94 -21.63
N CYS B 163 -5.45 9.66 -22.12
CA CYS B 163 -5.52 11.11 -22.16
C CYS B 163 -6.42 11.51 -23.33
N LEU B 164 -7.63 11.97 -23.01
CA LEU B 164 -8.59 12.35 -24.03
C LEU B 164 -8.23 13.65 -24.76
N LYS B 165 -8.01 14.72 -24.01
CA LYS B 165 -7.59 15.98 -24.60
C LYS B 165 -6.35 16.56 -23.92
N THR B 166 -5.65 17.45 -24.59
CA THR B 166 -4.49 18.12 -24.01
C THR B 166 -4.54 19.60 -24.33
N LEU B 167 -5.15 20.38 -23.45
CA LEU B 167 -5.29 21.82 -23.64
C LEU B 167 -3.98 22.58 -23.45
N PRO B 168 -3.59 23.41 -24.43
CA PRO B 168 -2.38 24.22 -24.26
C PRO B 168 -2.71 25.41 -23.37
N ALA B 169 -3.00 25.15 -22.10
CA ALA B 169 -3.74 26.08 -21.26
C ALA B 169 -3.05 27.38 -20.81
N HIS B 170 -1.76 27.34 -20.52
CA HIS B 170 -1.08 28.48 -19.90
C HIS B 170 0.38 28.54 -20.32
N SER B 171 1.07 29.60 -19.91
CA SER B 171 2.45 29.85 -20.30
C SER B 171 3.34 29.76 -19.08
N ASP B 172 2.78 29.20 -18.01
CA ASP B 172 3.51 28.93 -16.76
C ASP B 172 2.81 27.77 -16.07
N PRO B 173 3.39 27.26 -14.97
CA PRO B 173 2.79 26.09 -14.33
C PRO B 173 1.31 26.28 -13.97
N VAL B 174 0.58 25.18 -13.90
CA VAL B 174 -0.86 25.20 -13.63
C VAL B 174 -1.14 24.85 -12.17
N SER B 175 -1.80 25.75 -11.46
CA SER B 175 -1.94 25.63 -10.01
C SER B 175 -3.27 25.01 -9.57
N ALA B 176 -4.26 25.01 -10.46
CA ALA B 176 -5.55 24.40 -10.12
C ALA B 176 -6.42 24.04 -11.33
N VAL B 177 -7.33 23.11 -11.15
CA VAL B 177 -8.28 22.71 -12.17
C VAL B 177 -9.53 22.17 -11.48
N HIS B 178 -10.71 22.53 -11.97
CA HIS B 178 -11.96 22.17 -11.31
C HIS B 178 -13.11 22.12 -12.31
N PHE B 179 -13.95 21.09 -12.25
CA PHE B 179 -15.14 21.03 -13.08
C PHE B 179 -16.23 21.80 -12.39
N ASN B 180 -17.29 22.11 -13.13
CA ASN B 180 -18.44 22.77 -12.53
C ASN B 180 -19.58 21.80 -12.22
N ARG B 181 -20.64 22.32 -11.59
CA ARG B 181 -21.77 21.52 -11.13
C ARG B 181 -22.19 20.36 -12.05
N ASP B 182 -22.05 20.52 -13.36
CA ASP B 182 -22.53 19.50 -14.30
C ASP B 182 -21.49 19.00 -15.31
N GLY B 183 -20.21 19.24 -15.00
CA GLY B 183 -19.11 18.73 -15.81
C GLY B 183 -18.94 19.37 -17.19
N SER B 184 -19.70 20.43 -17.45
CA SER B 184 -19.68 21.09 -18.74
C SER B 184 -18.49 22.03 -18.88
N LEU B 185 -17.96 22.48 -17.74
CA LEU B 185 -16.91 23.47 -17.76
C LEU B 185 -15.74 23.07 -16.88
N ILE B 186 -14.55 23.48 -17.28
CA ILE B 186 -13.38 23.34 -16.43
C ILE B 186 -12.81 24.72 -16.17
N VAL B 187 -12.41 25.01 -14.94
CA VAL B 187 -11.69 26.25 -14.68
C VAL B 187 -10.25 25.94 -14.36
N SER B 188 -9.32 26.76 -14.84
CA SER B 188 -7.90 26.55 -14.55
C SER B 188 -7.21 27.84 -14.14
N SER B 189 -6.11 27.71 -13.40
CA SER B 189 -5.31 28.86 -12.99
C SER B 189 -3.83 28.58 -13.13
N SER B 190 -3.02 29.63 -13.11
CA SER B 190 -1.58 29.51 -13.40
C SER B 190 -0.73 30.63 -12.81
N TYR B 191 0.53 30.31 -12.53
CA TYR B 191 1.52 31.34 -12.24
C TYR B 191 1.62 32.38 -13.36
N ASP B 192 1.00 32.11 -14.51
CA ASP B 192 1.04 33.06 -15.61
C ASP B 192 0.03 34.22 -15.44
N GLY B 193 -0.61 34.30 -14.29
CA GLY B 193 -1.56 35.37 -14.02
C GLY B 193 -3.01 35.08 -14.39
N LEU B 194 -3.25 34.00 -15.12
CA LEU B 194 -4.56 33.81 -15.74
C LEU B 194 -5.47 32.78 -15.08
N CYS B 195 -6.78 33.02 -15.14
CA CYS B 195 -7.77 31.98 -14.92
C CYS B 195 -8.50 31.83 -16.23
N ARG B 196 -8.56 30.61 -16.75
CA ARG B 196 -9.28 30.35 -17.99
C ARG B 196 -10.41 29.37 -17.80
N ILE B 197 -11.45 29.51 -18.60
CA ILE B 197 -12.57 28.61 -18.53
C ILE B 197 -12.58 27.84 -19.83
N TRP B 198 -12.80 26.53 -19.73
CA TRP B 198 -12.75 25.67 -20.89
C TRP B 198 -14.05 24.90 -21.07
N ASP B 199 -14.42 24.67 -22.33
CA ASP B 199 -15.52 23.79 -22.64
C ASP B 199 -15.02 22.35 -22.63
N THR B 200 -15.57 21.52 -21.76
CA THR B 200 -15.09 20.15 -21.58
C THR B 200 -15.23 19.30 -22.84
N ALA B 201 -16.31 19.54 -23.58
CA ALA B 201 -16.59 18.76 -24.78
C ALA B 201 -15.59 19.02 -25.90
N SER B 202 -15.34 20.30 -26.18
CA SER B 202 -14.50 20.70 -27.30
C SER B 202 -13.04 21.00 -26.93
N GLY B 203 -12.80 21.45 -25.70
CA GLY B 203 -11.47 21.80 -25.28
C GLY B 203 -11.17 23.24 -25.65
N GLN B 204 -12.24 23.97 -25.95
CA GLN B 204 -12.11 25.34 -26.38
C GLN B 204 -12.10 26.28 -25.19
N CYS B 205 -11.22 27.26 -25.25
CA CYS B 205 -11.13 28.28 -24.21
C CYS B 205 -12.26 29.28 -24.35
N LEU B 206 -13.22 29.26 -23.43
CA LEU B 206 -14.36 30.15 -23.49
C LEU B 206 -14.14 31.52 -22.83
N LYS B 207 -13.14 31.62 -21.97
CA LYS B 207 -12.94 32.85 -21.21
C LYS B 207 -11.57 32.95 -20.54
N THR B 208 -10.96 34.11 -20.65
CA THR B 208 -9.76 34.40 -19.87
C THR B 208 -10.08 35.55 -18.94
N LEU B 209 -9.77 35.37 -17.66
CA LEU B 209 -10.03 36.40 -16.63
C LEU B 209 -8.83 37.29 -16.38
N ILE B 210 -8.98 38.57 -16.65
CA ILE B 210 -7.91 39.53 -16.44
C ILE B 210 -8.30 40.54 -15.38
N ASP B 211 -7.46 40.67 -14.35
CA ASP B 211 -7.66 41.69 -13.33
C ASP B 211 -7.00 42.99 -13.80
N ASP B 212 -6.38 43.72 -12.89
CA ASP B 212 -5.69 44.96 -13.24
C ASP B 212 -4.20 44.74 -13.22
N ASP B 213 -3.74 43.82 -12.37
CA ASP B 213 -2.32 43.60 -12.20
C ASP B 213 -1.86 42.19 -12.59
N ASN B 214 -2.75 41.21 -12.48
CA ASN B 214 -2.42 39.83 -12.86
C ASN B 214 -1.25 39.17 -12.15
N PRO B 215 -1.32 39.09 -10.80
CA PRO B 215 -0.31 38.38 -10.00
C PRO B 215 -0.50 36.88 -10.19
N PRO B 216 0.55 36.08 -9.98
CA PRO B 216 0.41 34.64 -10.28
C PRO B 216 -0.84 34.10 -9.63
N VAL B 217 -1.58 33.26 -10.32
CA VAL B 217 -2.81 32.71 -9.75
C VAL B 217 -2.55 31.30 -9.16
N SER B 218 -2.78 31.17 -7.87
CA SER B 218 -2.28 30.04 -7.10
C SER B 218 -3.40 29.07 -6.72
N PHE B 219 -4.64 29.51 -6.85
CA PHE B 219 -5.74 28.59 -6.68
C PHE B 219 -6.97 29.08 -7.39
N VAL B 220 -7.82 28.15 -7.82
CA VAL B 220 -9.09 28.53 -8.41
C VAL B 220 -10.16 27.44 -8.17
N LYS B 221 -11.41 27.85 -7.98
CA LYS B 221 -12.48 26.91 -7.74
C LYS B 221 -13.87 27.52 -8.05
N PHE B 222 -14.77 26.71 -8.60
CA PHE B 222 -16.15 27.11 -8.86
C PHE B 222 -16.98 27.15 -7.59
N SER B 223 -18.01 27.99 -7.60
CA SER B 223 -19.01 27.94 -6.55
C SER B 223 -19.81 26.66 -6.76
N PRO B 224 -20.43 26.14 -5.69
CA PRO B 224 -21.23 24.91 -5.78
C PRO B 224 -22.25 24.96 -6.92
N ASN B 225 -22.78 26.14 -7.23
CA ASN B 225 -23.81 26.25 -8.24
C ASN B 225 -23.23 26.57 -9.61
N GLY B 226 -21.92 26.79 -9.64
CA GLY B 226 -21.23 27.06 -10.89
C GLY B 226 -21.27 28.50 -11.37
N LYS B 227 -22.18 29.28 -10.80
CA LYS B 227 -22.37 30.65 -11.27
C LYS B 227 -21.15 31.55 -10.98
N TYR B 228 -20.38 31.26 -9.93
CA TYR B 228 -19.21 32.10 -9.61
C TYR B 228 -17.88 31.37 -9.61
N ILE B 229 -16.80 32.11 -9.35
CA ILE B 229 -15.46 31.55 -9.33
C ILE B 229 -14.62 32.19 -8.23
N LEU B 230 -13.94 31.36 -7.44
CA LEU B 230 -13.14 31.85 -6.33
C LEU B 230 -11.67 31.63 -6.65
N ALA B 231 -10.87 32.69 -6.53
CA ALA B 231 -9.49 32.66 -7.03
C ALA B 231 -8.47 33.31 -6.08
N ALA B 232 -7.46 32.53 -5.73
CA ALA B 232 -6.42 32.92 -4.79
C ALA B 232 -5.23 33.46 -5.56
N THR B 233 -4.56 34.46 -5.03
CA THR B 233 -3.53 35.10 -5.83
C THR B 233 -2.39 35.64 -4.96
N LEU B 234 -1.15 35.42 -5.41
CA LEU B 234 0.02 35.58 -4.55
C LEU B 234 0.35 37.02 -4.17
N ASP B 235 -0.70 37.80 -3.95
CA ASP B 235 -0.56 39.17 -3.45
C ASP B 235 -1.43 39.27 -2.22
N ASN B 236 -1.60 38.14 -1.55
CA ASN B 236 -2.33 38.05 -0.29
C ASN B 236 -3.79 38.40 -0.48
N THR B 237 -4.30 38.09 -1.68
CA THR B 237 -5.69 38.37 -2.01
C THR B 237 -6.46 37.17 -2.54
N LEU B 238 -7.74 37.12 -2.16
CA LEU B 238 -8.70 36.19 -2.73
C LEU B 238 -9.76 37.06 -3.39
N LYS B 239 -10.28 36.62 -4.54
CA LYS B 239 -11.34 37.35 -5.23
C LYS B 239 -12.45 36.40 -5.66
N LEU B 240 -13.69 36.86 -5.58
CA LEU B 240 -14.82 36.11 -6.13
C LEU B 240 -15.24 36.73 -7.48
N TRP B 241 -15.24 35.93 -8.55
CA TRP B 241 -15.60 36.42 -9.88
C TRP B 241 -16.94 35.87 -10.36
N ASP B 242 -17.74 36.71 -11.01
CA ASP B 242 -18.91 36.24 -11.75
C ASP B 242 -18.45 35.72 -13.10
N TYR B 243 -18.65 34.43 -13.35
CA TYR B 243 -18.08 33.79 -14.54
C TYR B 243 -18.61 34.37 -15.89
N SER B 244 -19.91 34.62 -15.97
CA SER B 244 -20.45 35.19 -17.21
C SER B 244 -19.91 36.61 -17.48
N LYS B 245 -20.37 37.59 -16.70
CA LYS B 245 -19.98 38.98 -16.90
C LYS B 245 -18.46 39.15 -16.89
N GLY B 246 -17.76 38.17 -16.35
CA GLY B 246 -16.30 38.25 -16.26
C GLY B 246 -15.83 39.44 -15.47
N LYS B 247 -16.44 39.68 -14.31
CA LYS B 247 -16.05 40.81 -13.46
C LYS B 247 -15.82 40.44 -11.99
N CYS B 248 -14.76 40.98 -11.39
CA CYS B 248 -14.45 40.73 -10.00
C CYS B 248 -15.47 41.39 -9.06
N LEU B 249 -16.12 40.58 -8.22
CA LEU B 249 -17.17 41.06 -7.33
C LEU B 249 -16.68 41.33 -5.91
N LYS B 250 -16.26 40.29 -5.21
CA LYS B 250 -15.80 40.43 -3.82
C LYS B 250 -14.28 40.30 -3.71
N THR B 251 -13.74 40.87 -2.65
CA THR B 251 -12.33 40.73 -2.35
C THR B 251 -12.12 40.42 -0.87
N TYR B 252 -11.30 39.42 -0.60
CA TYR B 252 -11.07 38.98 0.76
C TYR B 252 -9.58 38.98 1.08
N THR B 253 -9.19 39.72 2.10
CA THR B 253 -7.77 39.80 2.47
C THR B 253 -7.56 39.76 3.98
N GLY B 254 -6.32 40.00 4.40
CA GLY B 254 -5.98 39.88 5.81
C GLY B 254 -4.97 38.80 6.11
N HIS B 255 -4.92 37.78 5.26
CA HIS B 255 -3.98 36.66 5.44
C HIS B 255 -2.66 36.86 4.71
N LYS B 256 -1.79 35.87 4.77
CA LYS B 256 -0.49 35.93 4.10
C LYS B 256 -0.36 34.80 3.09
N ASN B 257 -0.14 35.15 1.83
CA ASN B 257 -0.05 34.18 0.75
C ASN B 257 0.76 34.78 -0.39
N GLU B 258 2.04 34.41 -0.46
CA GLU B 258 2.95 34.97 -1.44
C GLU B 258 3.88 33.93 -2.02
N LYS B 259 3.82 32.70 -1.50
CA LYS B 259 4.76 31.64 -1.91
C LYS B 259 4.08 30.31 -2.26
N TYR B 260 3.04 29.94 -1.51
CA TYR B 260 2.46 28.61 -1.66
C TYR B 260 1.05 28.62 -2.24
N CYS B 261 0.71 27.55 -2.92
CA CYS B 261 -0.61 27.44 -3.51
C CYS B 261 -1.58 26.86 -2.49
N ILE B 262 -2.31 27.75 -1.82
CA ILE B 262 -3.16 27.37 -0.70
C ILE B 262 -4.61 27.19 -1.16
N PHE B 263 -5.18 26.02 -0.83
CA PHE B 263 -6.57 25.73 -1.17
C PHE B 263 -7.51 26.69 -0.45
N ALA B 264 -8.68 26.91 -1.04
CA ALA B 264 -9.73 27.72 -0.42
C ALA B 264 -11.11 27.11 -0.68
N ASN B 265 -12.13 27.66 -0.02
CA ASN B 265 -13.42 26.99 -0.01
C ASN B 265 -14.60 27.91 0.18
N PHE B 266 -15.74 27.49 -0.35
CA PHE B 266 -17.02 28.03 0.03
C PHE B 266 -17.56 27.11 1.12
N SER B 267 -17.79 27.67 2.30
CA SER B 267 -18.49 26.93 3.34
C SER B 267 -19.96 27.29 3.25
N VAL B 268 -20.82 26.28 3.15
CA VAL B 268 -22.23 26.53 2.93
C VAL B 268 -23.16 25.58 3.69
N THR B 269 -22.62 24.82 4.61
CA THR B 269 -23.44 23.87 5.34
C THR B 269 -24.24 24.59 6.42
N GLY B 270 -23.66 25.66 6.95
CA GLY B 270 -24.33 26.46 7.97
C GLY B 270 -24.57 27.86 7.44
N GLY B 271 -23.85 28.83 7.99
CA GLY B 271 -23.78 30.15 7.38
C GLY B 271 -22.90 30.03 6.16
N LYS B 272 -22.74 31.11 5.40
CA LYS B 272 -21.93 31.04 4.18
C LYS B 272 -20.63 31.83 4.36
N TRP B 273 -19.51 31.12 4.31
CA TRP B 273 -18.20 31.74 4.55
C TRP B 273 -17.17 31.38 3.47
N ILE B 274 -16.03 32.02 3.56
CA ILE B 274 -14.90 31.69 2.70
C ILE B 274 -13.76 31.29 3.62
N VAL B 275 -13.35 30.03 3.46
CA VAL B 275 -12.32 29.43 4.29
C VAL B 275 -11.06 29.34 3.46
N SER B 276 -9.91 29.54 4.09
CA SER B 276 -8.66 29.40 3.38
C SER B 276 -7.46 29.35 4.29
N GLY B 277 -6.55 28.39 4.05
CA GLY B 277 -5.28 28.35 4.72
C GLY B 277 -4.51 29.66 4.64
N SER B 278 -3.33 29.70 5.24
CA SER B 278 -2.58 30.95 5.31
C SER B 278 -1.13 30.68 5.70
N GLU B 279 -0.23 31.58 5.34
CA GLU B 279 1.19 31.36 5.51
C GLU B 279 1.66 31.92 6.84
N ASP B 280 0.70 32.35 7.65
CA ASP B 280 1.01 32.77 9.01
C ASP B 280 0.50 31.73 10.01
N ASN B 281 0.33 30.50 9.52
CA ASN B 281 0.01 29.36 10.36
C ASN B 281 -1.44 29.29 10.83
N LEU B 282 -2.27 30.24 10.44
CA LEU B 282 -3.68 30.24 10.85
C LEU B 282 -4.68 29.85 9.77
N VAL B 283 -5.85 29.39 10.19
CA VAL B 283 -6.97 29.18 9.27
C VAL B 283 -7.88 30.41 9.29
N TYR B 284 -8.02 31.08 8.15
CA TYR B 284 -8.88 32.26 8.08
C TYR B 284 -10.32 31.94 7.67
N ILE B 285 -11.29 32.66 8.23
CA ILE B 285 -12.68 32.58 7.79
C ILE B 285 -13.29 33.99 7.51
N TRP B 286 -13.92 34.15 6.35
CA TRP B 286 -14.55 35.42 5.96
C TRP B 286 -16.06 35.25 5.79
N ASN B 287 -16.80 36.31 6.13
CA ASN B 287 -18.23 36.39 5.81
C ASN B 287 -18.37 36.56 4.30
N LEU B 288 -19.04 35.61 3.65
CA LEU B 288 -19.16 35.62 2.18
C LEU B 288 -19.56 36.98 1.62
N GLN B 289 -20.53 37.63 2.27
CA GLN B 289 -21.10 38.86 1.78
C GLN B 289 -20.29 40.09 2.16
N THR B 290 -20.20 40.39 3.44
CA THR B 290 -19.52 41.60 3.91
C THR B 290 -18.00 41.53 3.71
N LYS B 291 -17.48 40.31 3.57
CA LYS B 291 -16.06 40.09 3.24
C LYS B 291 -15.11 40.41 4.38
N GLU B 292 -15.59 40.35 5.62
CA GLU B 292 -14.71 40.58 6.76
C GLU B 292 -14.36 39.28 7.48
N ILE B 293 -13.18 39.25 8.06
CA ILE B 293 -12.75 38.10 8.85
C ILE B 293 -13.69 37.86 10.03
N VAL B 294 -14.40 36.74 10.00
CA VAL B 294 -15.28 36.41 11.11
C VAL B 294 -14.71 35.36 12.07
N GLN B 295 -13.55 34.79 11.74
CA GLN B 295 -12.84 33.86 12.64
C GLN B 295 -11.40 33.55 12.18
N LYS B 296 -10.49 33.36 13.14
CA LYS B 296 -9.12 32.94 12.83
C LYS B 296 -8.62 31.80 13.72
N LEU B 297 -8.65 30.57 13.20
CA LEU B 297 -8.28 29.37 13.95
C LEU B 297 -6.78 29.30 14.24
N GLN B 298 -6.44 28.95 15.49
CA GLN B 298 -5.05 28.86 15.90
C GLN B 298 -4.71 27.43 16.29
N GLY B 299 -3.49 27.01 16.01
CA GLY B 299 -3.10 25.62 16.26
C GLY B 299 -1.87 25.16 15.50
N HIS B 300 -1.87 25.34 14.19
CA HIS B 300 -0.75 24.84 13.39
C HIS B 300 0.53 25.63 13.67
N THR B 301 1.66 25.10 13.25
CA THR B 301 2.95 25.69 13.62
C THR B 301 3.80 25.94 12.38
N ASP B 302 3.19 25.73 11.22
CA ASP B 302 3.83 26.00 9.94
C ASP B 302 2.73 26.35 8.94
N VAL B 303 3.12 26.85 7.78
CA VAL B 303 2.16 27.28 6.76
C VAL B 303 0.96 26.33 6.67
N VAL B 304 -0.24 26.88 6.78
CA VAL B 304 -1.46 26.09 6.58
C VAL B 304 -1.81 26.09 5.10
N ILE B 305 -1.50 24.96 4.44
CA ILE B 305 -1.46 24.88 2.97
C ILE B 305 -2.77 24.46 2.34
N SER B 306 -3.64 23.83 3.11
CA SER B 306 -4.89 23.28 2.60
C SER B 306 -6.03 23.30 3.62
N THR B 307 -7.23 23.52 3.13
CA THR B 307 -8.42 23.47 3.95
C THR B 307 -9.54 22.78 3.17
N ALA B 308 -10.54 22.31 3.88
CA ALA B 308 -11.67 21.66 3.23
C ALA B 308 -12.89 21.67 4.15
N CYS B 309 -14.07 21.82 3.55
CA CYS B 309 -15.31 21.89 4.29
C CYS B 309 -16.18 20.68 4.05
N HIS B 310 -16.46 19.95 5.11
CA HIS B 310 -17.30 18.78 5.06
C HIS B 310 -18.57 19.02 4.25
N PRO B 311 -19.01 17.99 3.48
CA PRO B 311 -20.18 18.02 2.60
C PRO B 311 -21.46 18.56 3.25
N THR B 312 -21.74 18.11 4.49
CA THR B 312 -23.03 18.41 5.14
C THR B 312 -22.94 19.05 6.51
N GLU B 313 -21.87 18.74 7.24
CA GLU B 313 -21.68 19.21 8.60
C GLU B 313 -20.73 20.40 8.63
N ASN B 314 -20.87 21.26 9.64
CA ASN B 314 -19.97 22.42 9.77
C ASN B 314 -18.59 21.99 10.27
N ILE B 315 -17.95 21.09 9.54
CA ILE B 315 -16.61 20.63 9.89
C ILE B 315 -15.59 21.14 8.91
N ILE B 316 -14.49 21.71 9.41
CA ILE B 316 -13.38 22.11 8.55
C ILE B 316 -12.16 21.24 8.83
N ALA B 317 -11.48 20.79 7.78
CA ALA B 317 -10.23 20.06 7.93
C ALA B 317 -9.05 20.93 7.48
N SER B 318 -7.96 20.92 8.21
CA SER B 318 -6.81 21.77 7.86
C SER B 318 -5.51 20.97 7.89
N ALA B 319 -4.49 21.42 7.17
CA ALA B 319 -3.23 20.68 7.08
C ALA B 319 -2.03 21.59 6.81
N ALA B 320 -0.87 21.21 7.37
CA ALA B 320 0.31 22.09 7.34
C ALA B 320 1.58 21.50 6.74
N LEU B 321 2.59 22.37 6.60
CA LEU B 321 3.82 22.05 5.89
C LEU B 321 4.89 21.40 6.77
N GLU B 322 6.08 21.25 6.20
CA GLU B 322 7.14 20.39 6.73
C GLU B 322 7.34 20.46 8.24
N ASN B 323 7.23 21.65 8.81
CA ASN B 323 7.54 21.84 10.23
C ASN B 323 6.42 21.43 11.20
N ASP B 324 5.26 21.12 10.65
CA ASP B 324 4.09 20.83 11.47
C ASP B 324 3.56 19.43 11.13
N LYS B 325 3.13 19.24 9.89
CA LYS B 325 2.82 17.90 9.39
C LYS B 325 1.56 17.23 9.97
N THR B 326 0.79 17.98 10.76
CA THR B 326 -0.47 17.45 11.30
C THR B 326 -1.70 17.91 10.52
N ILE B 327 -2.82 17.22 10.75
CA ILE B 327 -4.08 17.59 10.16
C ILE B 327 -5.05 17.87 11.30
N LYS B 328 -5.89 18.88 11.15
CA LYS B 328 -6.77 19.27 12.23
C LYS B 328 -8.22 19.35 11.77
N LEU B 329 -9.13 18.91 12.62
CA LEU B 329 -10.55 19.02 12.36
C LEU B 329 -11.17 19.94 13.42
N TRP B 330 -11.91 20.94 12.95
CA TRP B 330 -12.60 21.90 13.82
C TRP B 330 -14.09 21.82 13.50
N LYS B 331 -14.92 21.94 14.53
CA LYS B 331 -16.36 21.91 14.32
C LYS B 331 -17.03 23.21 14.78
N SER B 332 -18.26 23.42 14.31
CA SER B 332 -18.97 24.64 14.59
C SER B 332 -20.46 24.32 14.72
N ASP B 333 -21.18 25.16 15.47
CA ASP B 333 -22.62 24.99 15.56
C ASP B 333 -23.32 25.83 14.47
N CYS B 334 -22.73 26.98 14.16
CA CYS B 334 -23.24 27.87 13.12
C CYS B 334 -22.48 27.54 11.84
N ASP C 5 13.47 -46.77 2.26
CA ASP C 5 13.35 -48.10 2.85
C ASP C 5 11.97 -48.31 3.45
N GLU C 6 11.09 -48.98 2.70
CA GLU C 6 9.71 -49.19 3.12
C GLU C 6 8.85 -47.91 3.04
N GLU C 7 7.58 -48.08 2.73
CA GLU C 7 6.66 -46.95 2.54
C GLU C 7 6.52 -46.06 3.77
N VAL C 8 6.01 -44.86 3.56
CA VAL C 8 5.83 -43.85 4.61
C VAL C 8 4.67 -42.92 4.25
N ASP C 9 3.62 -42.96 5.06
CA ASP C 9 2.44 -42.14 4.87
C ASP C 9 2.58 -40.78 5.58
N VAL C 10 2.58 -39.71 4.79
CA VAL C 10 2.70 -38.37 5.33
C VAL C 10 1.38 -37.62 5.18
N THR C 11 0.31 -38.35 4.88
CA THR C 11 -0.99 -37.73 4.71
C THR C 11 -2.04 -38.13 5.74
N SER C 12 -1.99 -39.37 6.21
CA SER C 12 -3.06 -39.91 7.02
C SER C 12 -2.82 -39.72 8.51
N VAL C 13 -3.87 -39.37 9.23
CA VAL C 13 -3.77 -38.95 10.63
C VAL C 13 -4.29 -40.02 11.58
N ASP C 14 -3.71 -41.21 11.46
CA ASP C 14 -4.06 -42.32 12.32
C ASP C 14 -2.77 -42.90 12.88
N ALA D 1 18.71 -9.89 4.59
CA ALA D 1 17.57 -10.59 4.01
C ALA D 1 17.95 -12.00 3.52
N ARG D 2 16.96 -12.75 3.05
CA ARG D 2 17.16 -14.12 2.62
C ARG D 2 17.80 -14.13 1.24
N THR D 3 17.74 -12.98 0.58
CA THR D 3 18.16 -12.87 -0.81
C THR D 3 19.58 -12.33 -0.98
N LYS D 4 20.17 -11.79 0.09
CA LYS D 4 21.54 -11.27 -0.01
C LYS D 4 22.59 -12.40 0.07
N GLN D 5 22.45 -13.27 1.07
CA GLN D 5 23.33 -14.43 1.27
C GLN D 5 23.10 -15.09 2.64
N GLU E 6 -24.27 44.06 -4.37
CA GLU E 6 -23.34 43.06 -3.90
C GLU E 6 -23.95 42.19 -2.87
N GLU E 7 -24.72 41.17 -3.23
CA GLU E 7 -25.08 40.15 -2.29
C GLU E 7 -25.28 38.88 -3.06
N VAL E 8 -24.27 38.02 -3.10
CA VAL E 8 -24.32 36.91 -4.04
C VAL E 8 -24.93 35.66 -3.42
N ASP E 9 -25.07 34.61 -4.22
CA ASP E 9 -25.63 33.35 -3.80
C ASP E 9 -24.95 32.29 -4.63
N VAL E 10 -24.24 31.38 -3.97
CA VAL E 10 -23.32 30.49 -4.66
C VAL E 10 -23.78 29.05 -4.68
N THR E 11 -24.96 28.82 -4.13
CA THR E 11 -25.44 27.47 -3.93
C THR E 11 -26.68 27.16 -4.71
N SER E 12 -27.53 28.17 -4.88
CA SER E 12 -28.81 27.99 -5.54
C SER E 12 -28.61 27.76 -7.04
N VAL E 13 -29.37 26.84 -7.62
CA VAL E 13 -29.12 26.46 -9.01
C VAL E 13 -30.26 26.79 -9.99
N ASP E 14 -30.91 27.92 -9.77
CA ASP E 14 -31.91 28.43 -10.70
C ASP E 14 -31.36 28.43 -12.13
N ALA F 1 7.31 19.24 -3.52
CA ALA F 1 6.05 18.99 -4.22
C ALA F 1 5.42 20.32 -4.60
N ARG F 2 4.39 20.71 -3.85
CA ARG F 2 3.84 22.06 -3.87
C ARG F 2 4.16 22.64 -2.50
N THR F 3 4.79 21.78 -1.69
CA THR F 3 5.20 22.09 -0.33
C THR F 3 6.60 22.69 -0.27
N LYS F 4 7.17 22.97 -1.45
CA LYS F 4 8.46 23.67 -1.54
C LYS F 4 8.51 24.61 -2.74
#